data_5Z4D
#
_entry.id   5Z4D
#
_cell.length_a   61.571
_cell.length_b   84.787
_cell.length_c   148.118
_cell.angle_alpha   90.000
_cell.angle_beta   90.000
_cell.angle_gamma   90.000
#
_symmetry.space_group_name_H-M   'C 2 2 21'
#
loop_
_entity.id
_entity.type
_entity.pdbx_description
1 polymer 'Terminal uridylyltransferase Tailor'
2 polymer "RNA (5'-R(*AP*GP*UP*U)-3')"
3 water water
#
loop_
_entity_poly.entity_id
_entity_poly.type
_entity_poly.pdbx_seq_one_letter_code
_entity_poly.pdbx_strand_id
1 'polypeptide(L)'
;HMQHITVRLPKKARAMIVGEITNVFKDKYPIADKLKVIPEYDVIEQDLCKLLSPGFPKQPLRVYKFGSRITGIGNRSSDL
DLFVDIGNTFHTFEHRASNATVAKLRAMRKFFCDSEDWRLINFIEQARVPIIKTCHLPTGIECDICLNSMGFCNTNLLKY
IFESQPLTQYMCIYVKNWLERCKLTEQISTYSITLMVIYFLQLQALLPPIAMLQIEDAANQAVLVGPWVVNFAQKSFSEL
GLQQLKATVPVIKGFLRNFFAYFAKFDYEHFLVCPYIGQANVEIAKIERMLHARYSAYVSDNPECSIQLKKPMVVQDPIQ
LNHNVTKAVTKYGLQTFVDYCQQTAELLEEPSTNWRQRYAF
;
A
2 'polyribonucleotide' AGUU B
#
loop_
_chem_comp.id
_chem_comp.type
_chem_comp.name
_chem_comp.formula
A RNA linking ADENOSINE-5'-MONOPHOSPHATE 'C10 H14 N5 O7 P'
G RNA linking GUANOSINE-5'-MONOPHOSPHATE 'C10 H14 N5 O8 P'
U RNA linking URIDINE-5'-MONOPHOSPHATE 'C9 H13 N2 O9 P'
#
# COMPACT_ATOMS: atom_id res chain seq x y z
N HIS A 1 27.10 21.40 3.69
CA HIS A 1 26.21 21.58 4.83
C HIS A 1 25.09 20.54 4.75
N MET A 2 25.28 19.39 5.42
CA MET A 2 24.33 18.29 5.26
C MET A 2 23.69 17.87 6.59
N GLN A 3 24.28 16.88 7.28
CA GLN A 3 23.56 16.20 8.34
C GLN A 3 23.33 17.06 9.57
N HIS A 4 24.01 18.19 9.68
CA HIS A 4 23.89 19.09 10.82
C HIS A 4 22.84 20.17 10.62
N ILE A 5 22.21 20.23 9.43
CA ILE A 5 21.25 21.25 9.07
C ILE A 5 19.97 20.54 8.68
N THR A 6 18.86 21.05 9.18
CA THR A 6 17.57 20.48 8.84
C THR A 6 17.21 20.78 7.39
N VAL A 7 16.61 19.81 6.71
CA VAL A 7 16.12 20.02 5.35
C VAL A 7 14.81 20.80 5.49
N ARG A 8 14.70 21.95 4.84
CA ARG A 8 13.57 22.84 5.09
C ARG A 8 12.32 22.27 4.44
N LEU A 9 11.23 22.31 5.17
CA LEU A 9 9.97 21.81 4.65
C LEU A 9 9.58 22.62 3.41
N PRO A 10 9.20 21.99 2.30
CA PRO A 10 8.89 22.78 1.10
C PRO A 10 7.69 23.70 1.29
N LYS A 11 7.76 24.88 0.67
CA LYS A 11 6.71 25.87 0.85
C LYS A 11 5.34 25.33 0.47
N LYS A 12 5.30 24.48 -0.56
CA LYS A 12 4.03 23.94 -1.02
C LYS A 12 3.38 23.06 0.04
N ALA A 13 4.19 22.37 0.84
CA ALA A 13 3.64 21.61 1.96
C ALA A 13 3.29 22.52 3.12
N ARG A 14 4.17 23.47 3.45
CA ARG A 14 3.92 24.37 4.57
C ARG A 14 2.56 25.06 4.45
N ALA A 15 2.20 25.55 3.26
CA ALA A 15 0.95 26.30 3.13
C ALA A 15 -0.25 25.42 3.46
N MET A 16 -0.17 24.15 3.12
CA MET A 16 -1.29 23.25 3.31
C MET A 16 -1.41 22.79 4.76
N ILE A 17 -0.26 22.61 5.43
CA ILE A 17 -0.24 22.24 6.84
C ILE A 17 -0.79 23.39 7.68
N VAL A 18 -0.28 24.61 7.45
CA VAL A 18 -0.72 25.79 8.19
C VAL A 18 -2.14 26.20 7.83
N GLY A 19 -2.63 25.81 6.64
CA GLY A 19 -4.03 26.00 6.33
C GLY A 19 -4.90 25.01 7.10
N GLU A 20 -6.15 25.41 7.31
CA GLU A 20 -7.11 24.61 8.07
C GLU A 20 -7.16 23.18 7.54
N ILE A 21 -7.31 22.23 8.47
CA ILE A 21 -7.51 20.83 8.08
C ILE A 21 -8.77 20.67 7.25
N THR A 22 -9.80 21.48 7.52
CA THR A 22 -11.08 21.32 6.82
C THR A 22 -10.89 21.41 5.31
N ASN A 23 -10.18 22.44 4.84
CA ASN A 23 -9.92 22.63 3.41
C ASN A 23 -9.14 21.47 2.81
N VAL A 24 -8.51 20.63 3.64
CA VAL A 24 -7.83 19.47 3.09
C VAL A 24 -8.84 18.46 2.59
N PHE A 25 -9.86 18.22 3.39
CA PHE A 25 -10.81 17.15 3.17
C PHE A 25 -12.09 17.61 2.51
N LYS A 26 -12.41 18.91 2.52
CA LYS A 26 -13.75 19.34 2.11
C LYS A 26 -14.14 18.68 0.79
N ASP A 27 -13.25 18.72 -0.20
CA ASP A 27 -13.50 17.96 -1.42
C ASP A 27 -12.85 16.57 -1.38
N LYS A 28 -11.67 16.41 -0.77
CA LYS A 28 -10.89 15.20 -1.03
C LYS A 28 -11.53 13.94 -0.46
N TYR A 29 -12.11 14.00 0.75
CA TYR A 29 -12.68 12.76 1.30
C TYR A 29 -13.92 12.33 0.55
N PRO A 30 -14.92 13.18 0.32
CA PRO A 30 -16.08 12.73 -0.49
C PRO A 30 -15.69 12.22 -1.86
N ILE A 31 -14.71 12.85 -2.52
CA ILE A 31 -14.25 12.35 -3.81
C ILE A 31 -13.67 10.95 -3.66
N ALA A 32 -12.74 10.76 -2.70
CA ALA A 32 -12.10 9.46 -2.50
C ALA A 32 -13.12 8.36 -2.19
N ASP A 33 -14.13 8.68 -1.37
CA ASP A 33 -15.17 7.71 -1.06
C ASP A 33 -15.94 7.33 -2.32
N LYS A 34 -16.28 8.32 -3.14
CA LYS A 34 -17.05 8.01 -4.34
C LYS A 34 -16.25 7.16 -5.31
N LEU A 35 -14.93 7.40 -5.40
CA LEU A 35 -14.10 6.64 -6.35
C LEU A 35 -13.85 5.20 -5.94
N LYS A 36 -14.34 4.75 -4.78
CA LYS A 36 -14.23 3.32 -4.48
C LYS A 36 -15.01 2.48 -5.47
N VAL A 37 -16.13 2.99 -5.96
CA VAL A 37 -17.00 2.27 -6.87
C VAL A 37 -17.60 3.26 -7.84
N ILE A 38 -17.25 3.17 -9.11
CA ILE A 38 -17.96 3.92 -10.16
C ILE A 38 -18.15 3.01 -11.36
N PRO A 39 -19.17 3.29 -12.17
CA PRO A 39 -19.49 2.38 -13.29
C PRO A 39 -18.38 2.30 -14.30
N GLU A 40 -17.57 3.36 -14.41
CA GLU A 40 -16.42 3.31 -15.30
C GLU A 40 -15.59 2.06 -15.07
N TYR A 41 -15.42 1.65 -13.82
CA TYR A 41 -14.57 0.49 -13.58
C TYR A 41 -15.13 -0.77 -14.20
N ASP A 42 -16.46 -0.92 -14.25
CA ASP A 42 -17.03 -2.09 -14.91
C ASP A 42 -16.77 -2.07 -16.41
N VAL A 43 -16.76 -0.88 -17.01
CA VAL A 43 -16.44 -0.77 -18.43
C VAL A 43 -14.99 -1.21 -18.67
N ILE A 44 -14.08 -0.73 -17.83
CA ILE A 44 -12.67 -1.10 -17.96
C ILE A 44 -12.52 -2.60 -17.84
N GLU A 45 -13.09 -3.19 -16.79
CA GLU A 45 -12.95 -4.63 -16.57
C GLU A 45 -13.49 -5.41 -17.77
N GLN A 46 -14.68 -5.06 -18.22
CA GLN A 46 -15.25 -5.78 -19.36
C GLN A 46 -14.42 -5.59 -20.62
N ASP A 47 -13.97 -4.36 -20.88
CA ASP A 47 -13.16 -4.14 -22.07
C ASP A 47 -11.85 -4.94 -21.99
N LEU A 48 -11.25 -5.03 -20.80
CA LEU A 48 -9.98 -5.72 -20.67
C LEU A 48 -10.17 -7.23 -20.89
N CYS A 49 -11.25 -7.79 -20.36
CA CYS A 49 -11.56 -9.19 -20.60
C CYS A 49 -11.78 -9.45 -22.09
N LYS A 50 -12.59 -8.61 -22.72
CA LYS A 50 -12.85 -8.76 -24.15
C LYS A 50 -11.56 -8.67 -24.97
N LEU A 51 -10.67 -7.74 -24.60
CA LEU A 51 -9.42 -7.54 -25.32
C LEU A 51 -8.52 -8.76 -25.24
N LEU A 52 -8.32 -9.30 -24.05
CA LEU A 52 -7.23 -10.25 -23.82
C LEU A 52 -7.64 -11.71 -23.98
N SER A 53 -8.91 -12.03 -23.77
CA SER A 53 -9.32 -13.43 -23.83
C SER A 53 -8.89 -14.12 -25.12
N PRO A 54 -9.12 -13.56 -26.31
CA PRO A 54 -8.69 -14.25 -27.53
C PRO A 54 -7.20 -14.56 -27.56
N GLY A 55 -6.38 -13.75 -26.88
CA GLY A 55 -4.96 -14.03 -26.73
C GLY A 55 -4.64 -15.20 -25.84
N PHE A 56 -5.61 -15.70 -25.07
CA PHE A 56 -5.40 -16.78 -24.12
C PHE A 56 -6.61 -17.70 -24.16
N PRO A 57 -6.93 -18.22 -25.34
CA PRO A 57 -8.12 -19.06 -25.46
C PRO A 57 -7.94 -20.34 -24.67
N LYS A 58 -9.03 -20.84 -24.11
CA LYS A 58 -9.03 -22.03 -23.27
C LYS A 58 -8.32 -21.80 -21.93
N GLN A 59 -8.12 -20.55 -21.52
CA GLN A 59 -7.63 -20.28 -20.17
C GLN A 59 -8.61 -19.39 -19.43
N PRO A 60 -8.92 -19.67 -18.17
CA PRO A 60 -9.76 -18.74 -17.41
C PRO A 60 -9.09 -17.38 -17.32
N LEU A 61 -9.91 -16.34 -17.21
CA LEU A 61 -9.40 -14.97 -17.11
C LEU A 61 -10.33 -14.19 -16.21
N ARG A 62 -9.77 -13.61 -15.15
CA ARG A 62 -10.49 -12.76 -14.21
C ARG A 62 -9.64 -11.54 -13.97
N VAL A 63 -10.29 -10.40 -13.85
CA VAL A 63 -9.65 -9.12 -13.58
C VAL A 63 -10.00 -8.68 -12.17
N TYR A 64 -8.99 -8.24 -11.42
CA TYR A 64 -9.16 -7.81 -10.04
C TYR A 64 -8.68 -6.37 -9.94
N LYS A 65 -9.53 -5.48 -9.46
CA LYS A 65 -9.17 -4.08 -9.30
C LYS A 65 -8.57 -3.85 -7.92
N PHE A 66 -7.56 -2.98 -7.85
CA PHE A 66 -6.98 -2.68 -6.55
C PHE A 66 -6.35 -1.30 -6.55
N GLY A 67 -5.69 -0.95 -5.44
CA GLY A 67 -4.95 0.30 -5.32
C GLY A 67 -5.78 1.40 -4.66
N SER A 68 -5.26 2.62 -4.74
CA SER A 68 -5.81 3.72 -3.94
C SER A 68 -7.27 4.02 -4.30
N ARG A 69 -7.66 3.91 -5.57
CA ARG A 69 -9.07 4.18 -5.89
C ARG A 69 -9.96 3.22 -5.12
N ILE A 70 -9.60 1.93 -5.13
CA ILE A 70 -10.44 0.88 -4.56
C ILE A 70 -10.49 0.96 -3.04
N THR A 71 -9.38 1.36 -2.40
CA THR A 71 -9.38 1.43 -0.93
C THR A 71 -10.05 2.67 -0.41
N GLY A 72 -10.09 3.74 -1.19
CA GLY A 72 -10.78 4.95 -0.75
C GLY A 72 -9.86 6.11 -0.45
N ILE A 73 -8.68 6.15 -1.10
CA ILE A 73 -7.81 7.31 -0.93
C ILE A 73 -7.39 7.93 -2.26
N GLY A 74 -8.13 7.64 -3.31
CA GLY A 74 -7.80 8.17 -4.63
C GLY A 74 -8.44 9.53 -4.92
N ASN A 75 -8.04 10.09 -6.05
CA ASN A 75 -8.61 11.31 -6.61
C ASN A 75 -8.80 11.08 -8.11
N ARG A 76 -9.35 12.08 -8.80
CA ARG A 76 -9.72 11.87 -10.20
C ARG A 76 -8.50 11.59 -11.07
N SER A 77 -7.30 11.97 -10.64
CA SER A 77 -6.12 11.75 -11.46
C SER A 77 -5.42 10.43 -11.14
N SER A 78 -5.91 9.68 -10.15
CA SER A 78 -5.32 8.42 -9.74
C SER A 78 -5.41 7.38 -10.84
N ASP A 79 -4.40 6.52 -10.92
CA ASP A 79 -4.51 5.35 -11.78
C ASP A 79 -5.46 4.33 -11.14
N LEU A 80 -5.85 3.34 -11.94
CA LEU A 80 -6.55 2.17 -11.48
C LEU A 80 -5.61 0.99 -11.67
N ASP A 81 -5.36 0.25 -10.59
CA ASP A 81 -4.48 -0.90 -10.68
C ASP A 81 -5.32 -2.15 -10.93
N LEU A 82 -4.84 -3.00 -11.83
CA LEU A 82 -5.58 -4.17 -12.27
C LEU A 82 -4.66 -5.37 -12.28
N PHE A 83 -5.11 -6.43 -11.61
CA PHE A 83 -4.47 -7.72 -11.67
C PHE A 83 -5.26 -8.60 -12.64
N VAL A 84 -4.59 -9.05 -13.69
CA VAL A 84 -5.18 -9.96 -14.67
C VAL A 84 -4.72 -11.36 -14.32
N ASP A 85 -5.66 -12.20 -13.92
CA ASP A 85 -5.35 -13.58 -13.60
C ASP A 85 -5.75 -14.44 -14.79
N ILE A 86 -4.75 -14.92 -15.52
CA ILE A 86 -4.90 -15.86 -16.62
C ILE A 86 -4.41 -17.22 -16.15
N GLY A 87 -5.31 -18.20 -16.12
CA GLY A 87 -4.88 -19.55 -15.77
C GLY A 87 -4.72 -19.83 -14.28
N ASN A 88 -5.53 -19.22 -13.46
CA ASN A 88 -5.55 -19.46 -12.01
C ASN A 88 -4.16 -19.35 -11.37
N THR A 89 -3.58 -18.16 -11.52
CA THR A 89 -2.29 -17.86 -10.91
C THR A 89 -2.44 -17.12 -9.59
N PHE A 90 -3.67 -16.88 -9.14
CA PHE A 90 -3.87 -16.06 -7.96
C PHE A 90 -3.03 -16.50 -6.78
N HIS A 91 -2.97 -17.81 -6.53
CA HIS A 91 -2.32 -18.32 -5.34
C HIS A 91 -0.85 -18.62 -5.55
N THR A 92 -0.28 -18.19 -6.68
CA THR A 92 1.13 -18.37 -6.97
C THR A 92 1.90 -17.10 -6.61
N PHE A 93 2.94 -17.24 -5.79
CA PHE A 93 3.76 -16.10 -5.44
C PHE A 93 5.04 -16.11 -6.26
N GLU A 94 5.37 -14.95 -6.85
CA GLU A 94 6.64 -14.74 -7.55
C GLU A 94 7.22 -13.41 -7.06
N HIS A 95 8.27 -13.46 -6.25
CA HIS A 95 8.83 -12.22 -5.75
C HIS A 95 9.35 -11.37 -6.90
N ARG A 96 10.10 -11.98 -7.78
CA ARG A 96 10.36 -11.42 -9.11
C ARG A 96 9.68 -12.30 -10.16
N ALA A 97 9.14 -11.69 -11.20
CA ALA A 97 8.34 -12.42 -12.18
C ALA A 97 9.16 -13.54 -12.80
N SER A 98 8.51 -14.66 -13.01
CA SER A 98 9.13 -15.77 -13.71
C SER A 98 9.22 -15.45 -15.20
N ASN A 99 10.03 -16.24 -15.91
CA ASN A 99 10.08 -16.09 -17.36
C ASN A 99 8.70 -16.32 -17.97
N ALA A 100 7.95 -17.29 -17.44
CA ALA A 100 6.61 -17.55 -17.96
C ALA A 100 5.71 -16.32 -17.80
N THR A 101 5.83 -15.66 -16.65
CA THR A 101 5.05 -14.46 -16.40
C THR A 101 5.44 -13.33 -17.34
N VAL A 102 6.73 -13.15 -17.53
CA VAL A 102 7.19 -12.13 -18.48
C VAL A 102 6.68 -12.45 -19.89
N ALA A 103 6.68 -13.73 -20.29
CA ALA A 103 6.20 -14.07 -21.61
C ALA A 103 4.73 -13.73 -21.76
N LYS A 104 3.96 -13.91 -20.68
CA LYS A 104 2.55 -13.53 -20.72
C LYS A 104 2.38 -12.03 -20.85
N LEU A 105 3.15 -11.26 -20.10
CA LEU A 105 3.02 -9.81 -20.18
C LEU A 105 3.46 -9.32 -21.53
N ARG A 106 4.55 -9.89 -22.07
CA ARG A 106 4.98 -9.53 -23.41
C ARG A 106 3.85 -9.75 -24.41
N ALA A 107 3.11 -10.84 -24.26
CA ALA A 107 2.09 -11.15 -25.24
C ALA A 107 0.92 -10.18 -25.08
N MET A 108 0.68 -9.70 -23.87
CA MET A 108 -0.40 -8.75 -23.66
C MET A 108 -0.11 -7.42 -24.34
N ARG A 109 1.17 -7.02 -24.44
CA ARG A 109 1.50 -5.69 -24.94
C ARG A 109 0.81 -5.40 -26.28
N LYS A 110 0.95 -6.32 -27.26
CA LYS A 110 0.46 -6.01 -28.61
C LYS A 110 -1.06 -5.79 -28.64
N PHE A 111 -1.81 -6.43 -27.74
CA PHE A 111 -3.25 -6.18 -27.69
C PHE A 111 -3.54 -4.72 -27.39
N PHE A 112 -2.91 -4.17 -26.34
CA PHE A 112 -3.16 -2.76 -26.04
C PHE A 112 -2.69 -1.87 -27.17
N CYS A 113 -1.54 -2.21 -27.77
CA CYS A 113 -1.04 -1.44 -28.90
C CYS A 113 -2.01 -1.48 -30.06
N ASP A 114 -2.55 -2.68 -30.36
CA ASP A 114 -3.38 -2.82 -31.55
C ASP A 114 -4.76 -2.22 -31.35
N SER A 115 -5.28 -2.29 -30.11
CA SER A 115 -6.62 -1.83 -29.84
C SER A 115 -6.69 -0.31 -29.85
N GLU A 116 -7.71 0.23 -30.53
CA GLU A 116 -7.97 1.66 -30.50
C GLU A 116 -8.52 2.14 -29.15
N ASP A 117 -9.05 1.24 -28.32
CA ASP A 117 -9.61 1.60 -27.03
C ASP A 117 -8.55 1.82 -25.95
N TRP A 118 -7.28 1.54 -26.25
CA TRP A 118 -6.24 1.63 -25.24
C TRP A 118 -5.01 2.32 -25.81
N ARG A 119 -4.46 3.26 -25.06
CA ARG A 119 -3.18 3.86 -25.42
C ARG A 119 -2.09 3.24 -24.55
N LEU A 120 -1.07 2.66 -25.20
CA LEU A 120 0.04 2.10 -24.43
C LEU A 120 0.92 3.25 -23.97
N ILE A 121 1.16 3.32 -22.68
CA ILE A 121 1.96 4.35 -22.07
C ILE A 121 3.37 3.87 -21.82
N ASN A 122 3.50 2.69 -21.22
CA ASN A 122 4.81 2.12 -20.99
C ASN A 122 4.66 0.62 -20.77
N PHE A 123 5.74 -0.09 -21.05
CA PHE A 123 5.84 -1.53 -20.83
C PHE A 123 7.06 -1.72 -19.92
N ILE A 124 6.85 -2.13 -18.69
CA ILE A 124 7.92 -2.15 -17.68
C ILE A 124 8.14 -3.60 -17.27
N GLU A 125 9.00 -4.31 -18.02
CA GLU A 125 9.15 -5.72 -17.69
C GLU A 125 10.23 -5.98 -16.66
N GLN A 126 11.08 -5.00 -16.36
CA GLN A 126 12.20 -5.25 -15.49
C GLN A 126 11.91 -4.90 -14.04
N ALA A 127 10.73 -4.39 -13.74
CA ALA A 127 10.37 -4.11 -12.37
C ALA A 127 10.19 -5.41 -11.58
N ARG A 128 10.31 -5.31 -10.25
CA ARG A 128 10.02 -6.46 -9.39
C ARG A 128 8.63 -6.98 -9.67
N VAL A 129 7.67 -6.07 -9.79
CA VAL A 129 6.34 -6.40 -10.28
C VAL A 129 6.18 -5.79 -11.66
N PRO A 130 6.41 -6.56 -12.73
CA PRO A 130 6.32 -5.98 -14.07
C PRO A 130 4.90 -5.51 -14.32
N ILE A 131 4.79 -4.40 -15.07
CA ILE A 131 3.48 -3.82 -15.39
C ILE A 131 3.45 -3.28 -16.81
N ILE A 132 2.23 -3.21 -17.32
CA ILE A 132 1.85 -2.49 -18.51
C ILE A 132 1.09 -1.27 -18.03
N LYS A 133 1.55 -0.07 -18.36
CA LYS A 133 0.78 1.14 -18.09
C LYS A 133 0.07 1.51 -19.37
N THR A 134 -1.23 1.74 -19.27
CA THR A 134 -2.02 2.01 -20.45
C THR A 134 -3.23 2.87 -20.06
N CYS A 135 -3.63 3.76 -20.96
CA CYS A 135 -4.80 4.59 -20.75
C CYS A 135 -6.01 3.93 -21.39
N HIS A 136 -7.07 3.73 -20.61
CA HIS A 136 -8.35 3.27 -21.12
C HIS A 136 -9.07 4.46 -21.75
N LEU A 137 -9.12 4.50 -23.08
CA LEU A 137 -9.47 5.76 -23.72
C LEU A 137 -10.94 6.14 -23.53
N PRO A 138 -11.87 5.18 -23.53
CA PRO A 138 -13.28 5.58 -23.35
C PRO A 138 -13.53 6.31 -22.03
N THR A 139 -12.83 5.92 -20.96
CA THR A 139 -12.98 6.59 -19.67
C THR A 139 -11.88 7.58 -19.37
N GLY A 140 -10.74 7.52 -20.08
CA GLY A 140 -9.61 8.37 -19.76
C GLY A 140 -8.82 7.95 -18.55
N ILE A 141 -9.13 6.81 -17.95
CA ILE A 141 -8.48 6.40 -16.71
C ILE A 141 -7.22 5.63 -17.05
N GLU A 142 -6.13 6.00 -16.40
CA GLU A 142 -4.85 5.33 -16.59
C GLU A 142 -4.81 4.07 -15.74
N CYS A 143 -4.37 2.95 -16.33
CA CYS A 143 -4.36 1.66 -15.65
C CYS A 143 -2.96 1.08 -15.57
N ASP A 144 -2.60 0.55 -14.42
CA ASP A 144 -1.39 -0.24 -14.22
C ASP A 144 -1.83 -1.69 -14.18
N ILE A 145 -1.37 -2.50 -15.13
CA ILE A 145 -1.84 -3.87 -15.28
C ILE A 145 -0.69 -4.79 -14.92
N CYS A 146 -0.95 -5.71 -13.98
CA CYS A 146 0.09 -6.64 -13.52
C CYS A 146 -0.47 -8.04 -13.46
N LEU A 147 0.42 -8.97 -13.13
CA LEU A 147 0.15 -10.41 -13.13
C LEU A 147 0.43 -11.00 -11.75
N ASN A 148 0.35 -10.16 -10.72
CA ASN A 148 0.72 -10.51 -9.34
C ASN A 148 -0.45 -10.13 -8.43
N SER A 149 -1.04 -11.14 -7.76
CA SER A 149 -2.23 -10.96 -6.91
C SER A 149 -1.98 -10.25 -5.60
N MET A 150 -0.75 -9.96 -5.20
CA MET A 150 -0.55 -9.53 -3.82
C MET A 150 -1.12 -8.15 -3.55
N GLY A 151 -1.04 -7.24 -4.52
CA GLY A 151 -1.57 -5.90 -4.29
C GLY A 151 -3.07 -5.94 -4.08
N PHE A 152 -3.77 -6.77 -4.85
CA PHE A 152 -5.20 -6.99 -4.60
C PHE A 152 -5.43 -7.50 -3.19
N CYS A 153 -4.59 -8.42 -2.73
CA CYS A 153 -4.79 -8.93 -1.39
C CYS A 153 -4.62 -7.82 -0.34
N ASN A 154 -3.55 -7.01 -0.46
CA ASN A 154 -3.40 -5.98 0.58
C ASN A 154 -4.44 -4.87 0.44
N THR A 155 -5.00 -4.67 -0.76
CA THR A 155 -6.09 -3.72 -0.94
C THR A 155 -7.32 -4.13 -0.14
N ASN A 156 -7.63 -5.44 -0.12
CA ASN A 156 -8.81 -5.89 0.61
C ASN A 156 -8.58 -5.72 2.11
N LEU A 157 -7.34 -5.90 2.56
CA LEU A 157 -6.99 -5.65 3.96
C LEU A 157 -7.17 -4.18 4.30
N LEU A 158 -6.59 -3.29 3.48
CA LEU A 158 -6.73 -1.86 3.71
C LEU A 158 -8.19 -1.44 3.71
N LYS A 159 -8.99 -1.98 2.78
N LYS A 159 -8.99 -1.98 2.78
CA LYS A 159 -10.40 -1.62 2.72
CA LYS A 159 -10.40 -1.61 2.73
C LYS A 159 -11.12 -1.98 4.02
C LYS A 159 -11.11 -1.97 4.02
N TYR A 160 -10.83 -3.16 4.57
CA TYR A 160 -11.42 -3.55 5.85
C TYR A 160 -10.98 -2.60 6.97
N ILE A 161 -9.69 -2.29 7.00
CA ILE A 161 -9.15 -1.39 8.02
C ILE A 161 -9.80 -0.01 7.92
N PHE A 162 -9.86 0.53 6.69
CA PHE A 162 -10.39 1.88 6.49
C PHE A 162 -11.88 1.95 6.82
N GLU A 163 -12.65 0.95 6.41
CA GLU A 163 -14.08 0.94 6.69
C GLU A 163 -14.37 0.77 8.18
N SER A 164 -13.55 -0.02 8.88
CA SER A 164 -13.73 -0.24 10.31
C SER A 164 -13.34 0.98 11.13
N GLN A 165 -12.35 1.73 10.67
CA GLN A 165 -11.74 2.81 11.44
C GLN A 165 -11.45 3.94 10.48
N PRO A 166 -12.48 4.72 10.12
CA PRO A 166 -12.32 5.71 9.05
C PRO A 166 -11.22 6.73 9.29
N LEU A 167 -10.90 7.05 10.55
CA LEU A 167 -9.75 7.90 10.85
C LEU A 167 -8.52 7.50 10.02
N THR A 168 -8.31 6.20 9.86
CA THR A 168 -7.18 5.70 9.08
C THR A 168 -7.23 6.25 7.67
N GLN A 169 -8.44 6.29 7.10
CA GLN A 169 -8.62 6.71 5.72
C GLN A 169 -8.37 8.21 5.58
N TYR A 170 -8.96 9.01 6.47
CA TYR A 170 -8.68 10.44 6.46
C TYR A 170 -7.17 10.70 6.58
N MET A 171 -6.52 10.02 7.52
CA MET A 171 -5.08 10.23 7.71
C MET A 171 -4.30 9.87 6.46
N CYS A 172 -4.65 8.76 5.82
CA CYS A 172 -3.93 8.37 4.61
C CYS A 172 -4.12 9.38 3.47
N ILE A 173 -5.34 9.91 3.31
CA ILE A 173 -5.58 10.96 2.32
C ILE A 173 -4.69 12.16 2.62
N TYR A 174 -4.61 12.55 3.87
CA TYR A 174 -3.75 13.69 4.24
C TYR A 174 -2.29 13.40 3.93
N VAL A 175 -1.74 12.30 4.44
CA VAL A 175 -0.31 12.05 4.25
C VAL A 175 0.03 11.75 2.79
N LYS A 176 -0.90 11.16 2.01
CA LYS A 176 -0.68 11.03 0.58
C LYS A 176 -0.42 12.39 -0.04
N ASN A 177 -1.28 13.37 0.26
CA ASN A 177 -1.13 14.70 -0.29
C ASN A 177 0.11 15.40 0.23
N TRP A 178 0.44 15.16 1.50
CA TRP A 178 1.65 15.72 2.10
C TRP A 178 2.90 15.21 1.37
N LEU A 179 2.95 13.91 1.07
CA LEU A 179 4.09 13.35 0.34
C LEU A 179 4.25 14.04 -1.00
N GLU A 180 3.15 14.23 -1.71
CA GLU A 180 3.19 14.89 -3.01
C GLU A 180 3.72 16.31 -2.88
N ARG A 181 3.24 17.05 -1.89
CA ARG A 181 3.67 18.43 -1.77
C ARG A 181 5.12 18.52 -1.30
N CYS A 182 5.57 17.55 -0.52
CA CYS A 182 6.96 17.48 -0.10
C CYS A 182 7.88 16.96 -1.19
N LYS A 183 7.34 16.49 -2.31
CA LYS A 183 8.14 15.90 -3.39
C LYS A 183 8.93 14.70 -2.89
N LEU A 184 8.26 13.84 -2.11
CA LEU A 184 8.89 12.67 -1.55
C LEU A 184 8.47 11.39 -2.25
N THR A 185 7.60 11.47 -3.25
CA THR A 185 6.94 10.26 -3.77
C THR A 185 7.91 9.34 -4.48
N GLU A 186 9.04 9.86 -4.99
CA GLU A 186 10.03 8.98 -5.61
C GLU A 186 10.66 8.04 -4.59
N GLN A 187 10.72 8.45 -3.32
CA GLN A 187 11.32 7.61 -2.29
C GLN A 187 10.29 6.91 -1.41
N ILE A 188 9.24 7.59 -1.00
CA ILE A 188 8.24 7.03 -0.10
C ILE A 188 6.89 7.04 -0.83
N SER A 189 6.34 5.87 -1.11
CA SER A 189 5.09 5.78 -1.86
C SER A 189 3.89 5.99 -0.95
N THR A 190 2.75 6.22 -1.59
CA THR A 190 1.50 6.28 -0.84
C THR A 190 1.26 5.00 -0.05
N TYR A 191 1.57 3.85 -0.64
CA TYR A 191 1.36 2.58 0.06
C TYR A 191 2.27 2.49 1.29
N SER A 192 3.53 2.86 1.16
CA SER A 192 4.43 2.81 2.30
C SER A 192 3.89 3.64 3.46
N ILE A 193 3.43 4.86 3.16
CA ILE A 193 3.01 5.70 4.28
C ILE A 193 1.64 5.24 4.82
N THR A 194 0.85 4.56 4.01
CA THR A 194 -0.37 3.93 4.51
C THR A 194 -0.05 2.88 5.58
N LEU A 195 0.95 2.05 5.33
CA LEU A 195 1.35 1.07 6.33
C LEU A 195 1.89 1.76 7.58
N MET A 196 2.60 2.89 7.40
CA MET A 196 3.05 3.65 8.55
C MET A 196 1.88 4.19 9.37
N VAL A 197 0.84 4.73 8.71
CA VAL A 197 -0.36 5.15 9.45
C VAL A 197 -0.99 3.98 10.19
N ILE A 198 -1.13 2.85 9.50
CA ILE A 198 -1.72 1.67 10.14
C ILE A 198 -0.93 1.28 11.37
N TYR A 199 0.40 1.20 11.26
CA TYR A 199 1.23 0.82 12.39
C TYR A 199 1.10 1.82 13.54
N PHE A 200 1.14 3.11 13.23
CA PHE A 200 0.95 4.12 14.26
C PHE A 200 -0.38 3.93 15.02
N LEU A 201 -1.47 3.64 14.30
CA LEU A 201 -2.75 3.51 14.98
C LEU A 201 -2.83 2.21 15.76
N GLN A 202 -2.15 1.16 15.29
CA GLN A 202 -2.06 -0.05 16.07
C GLN A 202 -1.41 0.23 17.43
N LEU A 203 -0.40 1.09 17.44
CA LEU A 203 0.26 1.38 18.72
C LEU A 203 -0.68 2.10 19.68
N GLN A 204 -1.70 2.77 19.16
CA GLN A 204 -2.72 3.45 19.96
C GLN A 204 -3.92 2.56 20.26
N ALA A 205 -3.82 1.26 19.98
CA ALA A 205 -4.92 0.31 20.19
C ALA A 205 -6.18 0.69 19.42
N LEU A 206 -6.03 1.28 18.21
CA LEU A 206 -7.15 1.62 17.35
C LEU A 206 -7.26 0.72 16.13
N LEU A 207 -6.28 -0.15 15.91
CA LEU A 207 -6.28 -1.13 14.83
C LEU A 207 -5.65 -2.41 15.36
N PRO A 208 -6.05 -3.57 14.85
CA PRO A 208 -5.45 -4.83 15.31
C PRO A 208 -4.12 -5.09 14.63
N PRO A 209 -3.21 -5.77 15.32
CA PRO A 209 -2.10 -6.42 14.59
C PRO A 209 -2.67 -7.34 13.51
N ILE A 210 -2.03 -7.33 12.33
CA ILE A 210 -2.52 -8.21 11.26
C ILE A 210 -2.36 -9.66 11.67
N ALA A 211 -1.28 -9.97 12.40
CA ALA A 211 -1.04 -11.33 12.84
C ALA A 211 -2.19 -11.84 13.68
N MET A 212 -2.83 -10.94 14.44
CA MET A 212 -3.93 -11.34 15.31
C MET A 212 -5.18 -11.68 14.52
N LEU A 213 -5.34 -11.12 13.31
CA LEU A 213 -6.43 -11.47 12.42
C LEU A 213 -6.17 -12.78 11.67
N GLN A 214 -4.98 -13.37 11.80
CA GLN A 214 -4.59 -14.52 10.99
C GLN A 214 -4.20 -15.73 11.83
N ILE A 215 -4.76 -15.83 13.02
CA ILE A 215 -4.61 -17.04 13.83
C ILE A 215 -5.11 -18.25 13.05
N GLU A 216 -4.33 -19.33 13.07
CA GLU A 216 -4.64 -20.53 12.30
C GLU A 216 -5.04 -21.64 13.28
N ASP A 217 -6.33 -21.94 13.30
CA ASP A 217 -6.86 -22.92 14.24
C ASP A 217 -8.02 -23.65 13.56
N ALA A 218 -8.92 -24.23 14.37
CA ALA A 218 -10.01 -25.02 13.81
C ALA A 218 -10.99 -24.15 13.03
N ALA A 219 -11.29 -22.95 13.54
CA ALA A 219 -12.27 -22.10 12.90
C ALA A 219 -11.73 -21.38 11.68
N ASN A 220 -10.41 -21.27 11.56
CA ASN A 220 -9.81 -20.33 10.62
C ASN A 220 -8.58 -20.96 9.98
N GLN A 221 -8.63 -21.15 8.66
N GLN A 221 -8.58 -21.08 8.66
CA GLN A 221 -7.50 -21.57 7.85
CA GLN A 221 -7.41 -21.54 7.94
C GLN A 221 -7.01 -20.41 7.01
C GLN A 221 -7.04 -20.55 6.84
N ALA A 222 -5.75 -20.49 6.59
CA ALA A 222 -5.17 -19.49 5.71
C ALA A 222 -5.51 -19.68 4.22
N VAL A 223 -5.81 -18.57 3.54
CA VAL A 223 -5.66 -18.46 2.08
C VAL A 223 -4.20 -18.14 1.83
N LEU A 224 -3.52 -19.03 1.12
CA LEU A 224 -2.09 -18.87 0.88
C LEU A 224 -1.84 -18.45 -0.56
N VAL A 225 -0.99 -17.45 -0.71
CA VAL A 225 -0.36 -17.11 -1.98
C VAL A 225 1.11 -17.38 -1.78
N GLY A 226 1.60 -18.48 -2.34
CA GLY A 226 2.90 -18.97 -1.96
C GLY A 226 2.91 -19.17 -0.46
N PRO A 227 3.91 -18.61 0.24
CA PRO A 227 3.99 -18.75 1.70
C PRO A 227 3.20 -17.72 2.47
N TRP A 228 2.53 -16.78 1.79
CA TRP A 228 1.92 -15.65 2.49
C TRP A 228 0.48 -15.96 2.81
N VAL A 229 0.08 -15.58 4.03
CA VAL A 229 -1.32 -15.64 4.45
C VAL A 229 -1.97 -14.32 4.04
N VAL A 230 -2.95 -14.38 3.15
CA VAL A 230 -3.49 -13.17 2.53
C VAL A 230 -4.90 -12.86 2.98
N ASN A 231 -5.58 -13.79 3.63
CA ASN A 231 -6.88 -13.53 4.19
C ASN A 231 -6.71 -13.10 5.65
N PHE A 232 -7.83 -12.82 6.28
CA PHE A 232 -7.82 -12.36 7.64
C PHE A 232 -9.24 -12.47 8.16
N ALA A 233 -9.38 -12.66 9.47
CA ALA A 233 -10.69 -12.69 10.08
C ALA A 233 -11.33 -11.31 9.94
N GLN A 234 -12.51 -11.24 9.31
CA GLN A 234 -13.20 -9.96 9.12
C GLN A 234 -14.13 -9.68 10.30
N LYS A 235 -13.54 -9.70 11.49
CA LYS A 235 -14.31 -9.54 12.73
C LYS A 235 -14.69 -8.07 12.88
N SER A 236 -15.87 -7.81 13.42
CA SER A 236 -16.18 -6.45 13.78
C SER A 236 -15.17 -5.96 14.82
N PHE A 237 -14.90 -4.66 14.79
CA PHE A 237 -14.05 -4.11 15.83
C PHE A 237 -14.70 -4.24 17.20
N SER A 238 -16.05 -4.28 17.25
CA SER A 238 -16.75 -4.58 18.50
C SER A 238 -16.30 -5.91 19.08
N GLU A 239 -16.29 -6.97 18.26
CA GLU A 239 -15.76 -8.27 18.70
C GLU A 239 -14.28 -8.19 19.07
N LEU A 240 -13.49 -7.43 18.31
CA LEU A 240 -12.07 -7.37 18.58
C LEU A 240 -11.73 -6.57 19.83
N GLY A 241 -12.67 -5.79 20.35
CA GLY A 241 -12.39 -5.00 21.53
C GLY A 241 -11.74 -3.67 21.25
N LEU A 242 -11.97 -3.11 20.06
CA LEU A 242 -11.31 -1.87 19.62
C LEU A 242 -12.36 -0.79 19.38
N GLN A 243 -12.15 0.38 19.96
CA GLN A 243 -13.15 1.41 19.79
C GLN A 243 -13.12 1.96 18.37
N GLN A 244 -14.26 2.47 17.91
CA GLN A 244 -14.36 3.03 16.57
C GLN A 244 -14.67 4.51 16.69
N LEU A 245 -13.74 5.34 16.22
CA LEU A 245 -13.77 6.79 16.38
C LEU A 245 -14.52 7.45 15.24
N LYS A 246 -15.20 8.54 15.55
CA LYS A 246 -15.67 9.44 14.52
C LYS A 246 -14.55 10.43 14.22
N ALA A 247 -14.11 10.46 12.97
CA ALA A 247 -13.06 11.37 12.54
C ALA A 247 -13.64 12.76 12.37
N THR A 248 -13.26 13.65 13.28
CA THR A 248 -13.59 15.07 13.21
C THR A 248 -12.30 15.84 12.92
N VAL A 249 -12.43 17.12 12.58
CA VAL A 249 -11.24 17.93 12.29
C VAL A 249 -10.28 17.91 13.48
N PRO A 250 -10.69 18.24 14.70
CA PRO A 250 -9.75 18.20 15.83
C PRO A 250 -9.18 16.82 16.12
N VAL A 251 -9.98 15.76 15.98
CA VAL A 251 -9.45 14.41 16.16
C VAL A 251 -8.37 14.12 15.13
N ILE A 252 -8.65 14.42 13.86
CA ILE A 252 -7.69 14.15 12.78
C ILE A 252 -6.40 14.93 13.03
N LYS A 253 -6.54 16.23 13.35
CA LYS A 253 -5.38 17.07 13.56
C LYS A 253 -4.49 16.52 14.66
N GLY A 254 -5.11 16.09 15.77
CA GLY A 254 -4.33 15.56 16.89
C GLY A 254 -3.62 14.26 16.56
N PHE A 255 -4.28 13.35 15.86
CA PHE A 255 -3.58 12.13 15.44
C PHE A 255 -2.49 12.42 14.42
N LEU A 256 -2.71 13.35 13.49
CA LEU A 256 -1.65 13.66 12.53
C LEU A 256 -0.46 14.30 13.21
N ARG A 257 -0.70 15.21 14.15
CA ARG A 257 0.40 15.78 14.91
C ARG A 257 1.24 14.69 15.56
N ASN A 258 0.58 13.73 16.22
CA ASN A 258 1.31 12.65 16.88
C ASN A 258 1.97 11.71 15.89
N PHE A 259 1.30 11.47 14.75
CA PHE A 259 1.89 10.65 13.70
C PHE A 259 3.23 11.22 13.23
N PHE A 260 3.25 12.50 12.86
CA PHE A 260 4.49 13.11 12.38
C PHE A 260 5.53 13.19 13.49
N ALA A 261 5.10 13.51 14.71
CA ALA A 261 6.05 13.55 15.83
C ALA A 261 6.67 12.18 16.05
N TYR A 262 5.86 11.12 15.95
CA TYR A 262 6.35 9.76 16.16
C TYR A 262 7.39 9.36 15.11
N PHE A 263 7.11 9.60 13.83
CA PHE A 263 8.08 9.20 12.82
C PHE A 263 9.24 10.16 12.72
N ALA A 264 9.11 11.36 13.30
CA ALA A 264 10.25 12.24 13.41
C ALA A 264 11.28 11.69 14.39
N LYS A 265 10.84 10.96 15.41
CA LYS A 265 11.73 10.49 16.46
C LYS A 265 11.92 8.98 16.45
N PHE A 266 11.40 8.28 15.46
CA PHE A 266 11.57 6.84 15.33
C PHE A 266 13.03 6.47 15.10
N ASP A 267 13.46 5.34 15.66
CA ASP A 267 14.86 4.91 15.58
C ASP A 267 14.91 3.89 14.43
N TYR A 268 15.13 4.40 13.22
CA TYR A 268 15.15 3.59 12.00
C TYR A 268 16.37 2.69 11.95
N GLU A 269 17.37 2.97 12.79
CA GLU A 269 18.56 2.13 12.83
C GLU A 269 18.28 0.77 13.45
N HIS A 270 17.42 0.71 14.46
CA HIS A 270 17.21 -0.54 15.20
C HIS A 270 15.82 -1.13 15.05
N PHE A 271 14.82 -0.35 14.63
CA PHE A 271 13.45 -0.80 14.62
C PHE A 271 12.84 -0.65 13.22
N LEU A 272 11.80 -1.43 12.99
CA LEU A 272 11.07 -1.36 11.74
C LEU A 272 9.60 -1.07 12.00
N VAL A 273 8.97 -0.45 11.01
CA VAL A 273 7.53 -0.29 11.00
C VAL A 273 6.93 -1.64 10.64
N CYS A 274 6.08 -2.18 11.52
CA CYS A 274 5.72 -3.60 11.47
C CYS A 274 4.24 -3.80 11.72
N PRO A 275 3.38 -3.50 10.74
CA PRO A 275 1.93 -3.72 10.94
C PRO A 275 1.54 -5.18 11.10
N TYR A 276 2.37 -6.15 10.69
CA TYR A 276 2.09 -7.54 11.03
C TYR A 276 2.03 -7.75 12.55
N ILE A 277 3.07 -7.35 13.27
CA ILE A 277 3.14 -7.56 14.71
C ILE A 277 2.30 -6.50 15.44
N GLY A 278 2.31 -5.27 14.94
CA GLY A 278 1.45 -4.24 15.51
C GLY A 278 1.75 -3.90 16.95
N GLN A 279 2.98 -4.09 17.39
CA GLN A 279 3.40 -3.65 18.72
C GLN A 279 4.61 -2.73 18.61
N ALA A 280 4.86 -2.00 19.69
CA ALA A 280 5.94 -1.04 19.72
C ALA A 280 7.30 -1.72 19.62
N ASN A 281 8.27 -1.00 19.05
CA ASN A 281 9.68 -1.35 19.14
C ASN A 281 9.96 -2.78 18.67
N VAL A 282 9.64 -3.04 17.39
CA VAL A 282 9.91 -4.33 16.75
C VAL A 282 11.31 -4.23 16.15
N GLU A 283 12.22 -5.08 16.62
CA GLU A 283 13.64 -4.95 16.33
C GLU A 283 14.00 -5.54 14.98
N ILE A 284 14.75 -4.78 14.20
CA ILE A 284 15.29 -5.30 12.95
C ILE A 284 16.03 -6.60 13.18
N ALA A 285 16.81 -6.67 14.28
CA ALA A 285 17.62 -7.83 14.62
C ALA A 285 16.79 -9.07 14.96
N LYS A 286 15.49 -8.91 15.22
CA LYS A 286 14.66 -10.02 15.67
C LYS A 286 13.58 -10.41 14.69
N ILE A 287 13.22 -9.55 13.73
CA ILE A 287 11.95 -9.75 13.04
C ILE A 287 11.89 -11.09 12.33
N GLU A 288 13.01 -11.54 11.75
CA GLU A 288 12.93 -12.73 10.90
C GLU A 288 12.61 -13.96 11.73
N ARG A 289 12.95 -13.95 13.01
CA ARG A 289 12.63 -15.07 13.89
C ARG A 289 11.23 -14.99 14.48
N MET A 290 10.48 -13.93 14.19
CA MET A 290 9.14 -13.69 14.73
C MET A 290 8.02 -14.04 13.75
N LEU A 291 8.34 -14.46 12.53
CA LEU A 291 7.36 -14.69 11.49
C LEU A 291 6.90 -16.15 11.48
N HIS A 292 5.85 -16.41 10.70
N HIS A 292 5.86 -16.41 10.69
CA HIS A 292 5.33 -17.77 10.63
CA HIS A 292 5.34 -17.76 10.67
C HIS A 292 6.38 -18.71 10.04
C HIS A 292 6.32 -18.71 9.96
N ALA A 293 6.20 -20.00 10.28
CA ALA A 293 7.18 -20.98 9.83
C ALA A 293 7.34 -21.02 8.31
N ARG A 294 6.33 -20.60 7.56
CA ARG A 294 6.43 -20.60 6.10
C ARG A 294 7.45 -19.61 5.61
N TYR A 295 7.66 -18.53 6.36
CA TYR A 295 8.66 -17.55 5.96
C TYR A 295 10.03 -18.21 5.90
N SER A 296 10.44 -18.83 7.02
CA SER A 296 11.75 -19.46 7.09
C SER A 296 11.90 -20.52 6.02
N ALA A 297 10.86 -21.30 5.81
CA ALA A 297 10.91 -22.32 4.76
C ALA A 297 11.04 -21.69 3.39
N TYR A 298 10.35 -20.56 3.17
CA TYR A 298 10.43 -19.89 1.88
C TYR A 298 11.82 -19.34 1.62
N VAL A 299 12.43 -18.72 2.63
CA VAL A 299 13.75 -18.15 2.41
C VAL A 299 14.76 -19.28 2.21
N SER A 300 14.60 -20.40 2.91
CA SER A 300 15.47 -21.55 2.68
C SER A 300 15.52 -21.94 1.21
N ASP A 301 14.39 -21.84 0.51
CA ASP A 301 14.35 -22.22 -0.90
C ASP A 301 14.54 -21.05 -1.83
N ASN A 302 14.52 -19.83 -1.30
CA ASN A 302 14.71 -18.62 -2.10
C ASN A 302 15.63 -17.70 -1.31
N PRO A 303 16.91 -18.07 -1.21
CA PRO A 303 17.80 -17.38 -0.25
C PRO A 303 18.03 -15.93 -0.58
N GLU A 304 17.87 -15.52 -1.83
CA GLU A 304 18.06 -14.12 -2.17
C GLU A 304 16.77 -13.32 -2.00
N CYS A 305 15.75 -13.90 -1.40
CA CYS A 305 14.44 -13.27 -1.31
C CYS A 305 14.00 -13.08 0.14
N SER A 306 14.92 -12.95 1.09
CA SER A 306 14.52 -12.60 2.45
C SER A 306 14.37 -11.09 2.53
N ILE A 307 13.71 -10.62 3.59
CA ILE A 307 13.44 -9.19 3.71
C ILE A 307 14.75 -8.42 3.80
N GLN A 308 14.82 -7.31 3.06
CA GLN A 308 16.05 -6.52 2.98
C GLN A 308 16.08 -5.57 4.16
N LEU A 309 16.85 -5.96 5.18
CA LEU A 309 16.92 -5.22 6.43
C LEU A 309 18.12 -4.30 6.53
N LYS A 310 19.14 -4.51 5.69
CA LYS A 310 20.32 -3.64 5.75
C LYS A 310 20.07 -2.39 4.92
N LYS A 311 19.03 -1.66 5.32
CA LYS A 311 18.58 -0.49 4.60
C LYS A 311 18.27 0.62 5.59
N PRO A 312 18.39 1.90 5.19
CA PRO A 312 18.13 2.98 6.14
C PRO A 312 16.75 2.93 6.75
N MET A 313 15.74 2.52 5.98
CA MET A 313 14.35 2.57 6.43
C MET A 313 13.68 1.24 6.14
N VAL A 314 13.13 0.62 7.18
CA VAL A 314 12.49 -0.69 7.04
C VAL A 314 11.02 -0.56 7.42
N VAL A 315 10.14 -0.81 6.43
CA VAL A 315 8.68 -0.85 6.58
C VAL A 315 8.27 -2.19 5.97
N GLN A 316 7.86 -3.13 6.80
CA GLN A 316 7.50 -4.47 6.35
C GLN A 316 6.03 -4.55 5.93
N ASP A 317 5.82 -5.02 4.69
CA ASP A 317 4.49 -5.33 4.23
C ASP A 317 3.82 -6.33 5.18
N PRO A 318 2.55 -6.13 5.55
CA PRO A 318 1.93 -6.97 6.57
C PRO A 318 1.55 -8.35 6.11
N ILE A 319 1.53 -8.59 4.79
N ILE A 319 1.56 -8.65 4.80
CA ILE A 319 1.18 -9.87 4.19
CA ILE A 319 1.27 -10.01 4.32
C ILE A 319 2.38 -10.48 3.46
C ILE A 319 2.40 -10.54 3.42
N GLN A 320 3.03 -9.69 2.60
CA GLN A 320 4.21 -10.16 1.86
C GLN A 320 5.40 -9.87 2.78
N LEU A 321 5.63 -10.77 3.72
CA LEU A 321 6.50 -10.49 4.86
C LEU A 321 7.98 -10.39 4.49
N ASN A 322 8.38 -10.82 3.29
CA ASN A 322 9.75 -10.61 2.83
C ASN A 322 9.97 -9.27 2.13
N HIS A 323 9.00 -8.35 2.16
CA HIS A 323 9.09 -7.09 1.41
C HIS A 323 9.23 -5.90 2.37
N ASN A 324 10.42 -5.30 2.40
CA ASN A 324 10.62 -3.96 2.95
C ASN A 324 10.21 -2.95 1.88
N VAL A 325 9.00 -2.39 2.03
CA VAL A 325 8.46 -1.55 0.97
C VAL A 325 9.27 -0.28 0.80
N THR A 326 10.05 0.13 1.80
CA THR A 326 10.89 1.33 1.74
C THR A 326 12.36 1.02 1.46
N LYS A 327 12.64 -0.15 0.88
CA LYS A 327 14.02 -0.55 0.67
C LYS A 327 14.80 0.43 -0.21
N ALA A 328 14.12 1.26 -1.01
CA ALA A 328 14.82 2.17 -1.92
C ALA A 328 15.10 3.53 -1.28
N VAL A 329 14.60 3.77 -0.07
CA VAL A 329 14.84 5.04 0.61
C VAL A 329 16.31 5.16 0.97
N THR A 330 16.91 6.30 0.60
CA THR A 330 18.33 6.54 0.85
C THR A 330 18.52 7.16 2.23
N LYS A 331 19.78 7.22 2.67
CA LYS A 331 20.05 7.87 3.95
C LYS A 331 19.59 9.32 3.91
N TYR A 332 19.85 10.01 2.80
CA TYR A 332 19.44 11.40 2.71
C TYR A 332 17.94 11.51 2.53
N GLY A 333 17.33 10.57 1.83
CA GLY A 333 15.87 10.59 1.72
C GLY A 333 15.20 10.39 3.07
N LEU A 334 15.75 9.48 3.88
CA LEU A 334 15.23 9.30 5.24
C LEU A 334 15.44 10.57 6.09
N GLN A 335 16.64 11.15 6.04
CA GLN A 335 16.84 12.40 6.77
C GLN A 335 15.84 13.45 6.35
N THR A 336 15.58 13.55 5.04
CA THR A 336 14.61 14.51 4.57
C THR A 336 13.24 14.23 5.14
N PHE A 337 12.82 12.97 5.09
CA PHE A 337 11.53 12.58 5.61
C PHE A 337 11.41 12.94 7.09
N VAL A 338 12.43 12.62 7.89
CA VAL A 338 12.32 12.86 9.33
C VAL A 338 12.28 14.35 9.61
N ASP A 339 13.09 15.12 8.88
CA ASP A 339 13.07 16.57 9.04
C ASP A 339 11.70 17.14 8.66
N TYR A 340 11.13 16.69 7.53
CA TYR A 340 9.80 17.14 7.16
C TYR A 340 8.78 16.76 8.23
N CYS A 341 8.86 15.54 8.73
CA CYS A 341 7.98 15.13 9.82
C CYS A 341 8.12 16.05 11.01
N GLN A 342 9.35 16.36 11.39
CA GLN A 342 9.57 17.18 12.57
C GLN A 342 8.93 18.56 12.40
N GLN A 343 9.15 19.16 11.24
CA GLN A 343 8.63 20.50 10.99
C GLN A 343 7.11 20.47 10.86
N THR A 344 6.56 19.38 10.32
CA THR A 344 5.10 19.27 10.19
C THR A 344 4.45 19.13 11.56
N ALA A 345 5.03 18.30 12.42
CA ALA A 345 4.50 18.16 13.77
C ALA A 345 4.49 19.50 14.50
N GLU A 346 5.57 20.28 14.33
CA GLU A 346 5.68 21.58 14.97
C GLU A 346 4.57 22.52 14.51
N LEU A 347 4.29 22.53 13.20
CA LEU A 347 3.27 23.42 12.66
C LEU A 347 1.86 22.98 13.01
N LEU A 348 1.66 21.70 13.35
CA LEU A 348 0.36 21.21 13.78
C LEU A 348 0.11 21.40 15.27
N GLU A 349 1.09 21.90 16.02
CA GLU A 349 0.93 22.13 17.45
C GLU A 349 0.00 23.29 17.72
N GLU A 350 -0.66 23.25 18.87
CA GLU A 350 -1.44 24.38 19.37
C GLU A 350 -1.31 24.42 20.89
N PRO A 351 -0.23 25.03 21.40
CA PRO A 351 0.04 25.18 22.84
C PRO A 351 -1.07 25.87 23.64
#